data_4P48
#
_entry.id   4P48
#
_cell.length_a   51.780
_cell.length_b   58.379
_cell.length_c   69.048
_cell.angle_alpha   90.000
_cell.angle_beta   90.000
_cell.angle_gamma   90.000
#
_symmetry.space_group_name_H-M   'P 21 21 21'
#
loop_
_entity.id
_entity.type
_entity.pdbx_description
1 polymer 'Antibody scFv 180'
2 water water
#
_entity_poly.entity_id   1
_entity_poly.type   'polypeptide(L)'
_entity_poly.pdbx_seq_one_letter_code
;ALTQPSSVSANPGGTVEITCSGGGRYYDGSYYYGWYQQKSPGSAPVTVIYENTKRPSNIPSRFSGSKSGSTATLTITGVR
AEDEAVYYCGSADDNMNPTIFGAGTTLTVLGGSSRSSGGGGSGGGGSSALTLDESGGGLQTPGGALSLVCKASGFTFSSY
GMQWVRQAPGKGLEWVAGIQNDDTGTYYGAAVKGRATISRDNGQSTVRLQLNNLRAEDTGTYYCAKDASSDGGYGGDSID
AWGHGTEVIVSSTSGQAGQHHHHHHGAYPYDVPDYAS
;
_entity_poly.pdbx_strand_id   A
#
# COMPACT_ATOMS: atom_id res chain seq x y z
N ALA A 1 -2.80 -3.31 -14.71
CA ALA A 1 -1.70 -2.71 -13.97
C ALA A 1 -1.66 -1.20 -14.17
N LEU A 2 -1.21 -0.48 -13.14
CA LEU A 2 -1.12 0.97 -13.21
C LEU A 2 0.12 1.39 -13.99
N THR A 3 0.13 2.64 -14.43
CA THR A 3 1.26 3.16 -15.17
C THR A 3 1.76 4.43 -14.51
N GLN A 4 3.02 4.38 -14.11
CA GLN A 4 3.69 5.55 -13.56
C GLN A 4 5.11 5.48 -14.11
N PRO A 5 5.79 6.60 -14.23
CA PRO A 5 7.15 6.56 -14.81
C PRO A 5 8.13 5.81 -13.89
N SER A 6 9.10 5.14 -14.56
N SER A 6 9.09 5.13 -14.57
N SER A 6 9.07 5.15 -14.57
CA SER A 6 10.13 4.46 -13.76
CA SER A 6 10.10 4.45 -13.76
CA SER A 6 10.11 4.46 -13.80
C SER A 6 10.96 5.40 -12.87
C SER A 6 10.97 5.38 -12.88
C SER A 6 10.97 5.38 -12.89
N SER A 7 11.32 6.56 -13.38
CA SER A 7 12.20 7.48 -12.67
C SER A 7 11.80 8.90 -13.02
N VAL A 8 12.14 9.76 -12.10
N VAL A 8 12.16 9.76 -12.09
CA VAL A 8 12.16 11.21 -12.33
CA VAL A 8 12.18 11.20 -12.32
C VAL A 8 13.36 11.80 -11.59
C VAL A 8 13.35 11.80 -11.58
N SER A 9 13.94 12.83 -12.17
CA SER A 9 15.06 13.53 -11.57
C SER A 9 14.65 14.97 -11.28
N ALA A 10 15.20 15.53 -10.22
CA ALA A 10 14.90 16.92 -9.88
C ALA A 10 16.11 17.59 -9.26
N ASN A 11 16.24 18.89 -9.50
CA ASN A 11 17.22 19.70 -8.80
C ASN A 11 16.64 20.04 -7.44
N PRO A 12 17.49 20.12 -6.40
CA PRO A 12 17.01 20.58 -5.10
C PRO A 12 16.29 21.93 -5.26
N GLY A 13 15.14 22.09 -4.61
CA GLY A 13 14.35 23.30 -4.72
C GLY A 13 13.44 23.34 -5.95
N GLY A 14 13.52 22.31 -6.78
CA GLY A 14 12.67 22.21 -7.95
C GLY A 14 11.25 21.79 -7.61
N THR A 15 10.42 21.79 -8.62
CA THR A 15 9.06 21.28 -8.51
C THR A 15 9.00 20.03 -9.38
N VAL A 16 8.62 18.92 -8.81
CA VAL A 16 8.55 17.74 -9.64
C VAL A 16 7.12 17.18 -9.66
N GLU A 17 6.75 16.51 -10.69
CA GLU A 17 5.45 15.90 -10.90
C GLU A 17 5.62 14.43 -11.27
N ILE A 18 4.79 13.58 -10.66
CA ILE A 18 4.77 12.16 -10.98
C ILE A 18 3.32 11.81 -11.28
N THR A 19 3.08 11.22 -12.44
CA THR A 19 1.74 10.88 -12.85
C THR A 19 1.46 9.40 -12.68
N CYS A 20 0.18 9.08 -12.53
CA CYS A 20 -0.26 7.68 -12.44
C CYS A 20 -1.57 7.56 -13.19
N SER A 21 -1.66 6.56 -14.04
N SER A 21 -1.66 6.56 -14.04
CA SER A 21 -2.85 6.27 -14.85
CA SER A 21 -2.84 6.26 -14.86
C SER A 21 -3.18 4.79 -14.82
C SER A 21 -3.19 4.79 -14.81
N GLY A 22 -4.37 4.45 -15.29
CA GLY A 22 -4.75 3.05 -15.41
C GLY A 22 -5.63 2.51 -14.30
N GLY A 23 -6.01 3.33 -13.33
CA GLY A 23 -6.90 2.90 -12.29
C GLY A 23 -8.28 2.57 -12.81
N GLY A 24 -8.96 1.66 -12.11
CA GLY A 24 -10.32 1.30 -12.49
C GLY A 24 -11.30 2.37 -12.07
N ARG A 25 -12.39 2.47 -12.82
CA ARG A 25 -13.46 3.38 -12.47
C ARG A 25 -14.18 2.88 -11.22
N TYR A 26 -14.38 3.75 -10.24
CA TYR A 26 -15.07 3.38 -9.02
C TYR A 26 -16.60 3.39 -9.22
N TYR A 27 -17.33 2.96 -8.19
CA TYR A 27 -18.79 2.85 -8.25
C TYR A 27 -19.46 4.18 -8.62
N ASP A 28 -18.81 5.29 -8.28
CA ASP A 28 -19.36 6.62 -8.54
C ASP A 28 -18.93 7.20 -9.87
N GLY A 29 -18.26 6.40 -10.69
CA GLY A 29 -17.81 6.85 -11.99
C GLY A 29 -16.50 7.63 -11.95
N SER A 30 -15.94 7.80 -10.75
CA SER A 30 -14.71 8.58 -10.60
C SER A 30 -13.49 7.70 -10.44
N TYR A 31 -12.34 8.35 -10.34
CA TYR A 31 -11.06 7.68 -10.23
C TYR A 31 -10.37 8.20 -8.99
N TYR A 32 -9.67 7.32 -8.28
CA TYR A 32 -9.00 7.69 -7.02
C TYR A 32 -7.65 7.00 -6.91
N TYR A 33 -6.67 7.78 -6.49
CA TYR A 33 -5.30 7.31 -6.34
C TYR A 33 -4.68 7.73 -5.01
N GLY A 34 -3.75 6.89 -4.54
CA GLY A 34 -2.93 7.23 -3.38
C GLY A 34 -1.46 7.12 -3.73
N TRP A 35 -0.63 7.73 -2.89
CA TRP A 35 0.80 7.84 -3.13
C TRP A 35 1.57 7.43 -1.89
N TYR A 36 2.41 6.42 -2.04
CA TYR A 36 3.07 5.76 -0.91
C TYR A 36 4.58 5.82 -1.10
N GLN A 37 5.23 6.54 -0.20
CA GLN A 37 6.66 6.82 -0.29
C GLN A 37 7.43 5.74 0.48
N GLN A 38 8.41 5.12 -0.18
CA GLN A 38 9.25 4.13 0.50
C GLN A 38 10.71 4.46 0.26
N LYS A 39 11.41 4.76 1.34
CA LYS A 39 12.79 5.23 1.25
C LYS A 39 13.84 4.15 1.14
N SER A 40 13.49 2.91 1.51
CA SER A 40 14.35 1.77 1.26
C SER A 40 13.47 0.53 1.14
N PRO A 41 13.91 -0.49 0.36
CA PRO A 41 13.12 -1.72 0.29
C PRO A 41 12.99 -2.35 1.68
N GLY A 42 11.82 -2.89 2.01
CA GLY A 42 11.62 -3.53 3.30
C GLY A 42 11.31 -2.63 4.47
N SER A 43 11.24 -1.32 4.27
CA SER A 43 10.86 -0.38 5.34
C SER A 43 9.42 0.05 5.17
N ALA A 44 8.80 0.46 6.26
CA ALA A 44 7.41 0.86 6.21
C ALA A 44 7.20 1.99 5.19
N PRO A 45 6.26 1.79 4.25
CA PRO A 45 5.89 2.94 3.42
C PRO A 45 5.26 4.03 4.27
N VAL A 46 5.25 5.24 3.72
CA VAL A 46 4.62 6.38 4.35
C VAL A 46 3.64 6.96 3.32
N THR A 47 2.37 7.09 3.72
CA THR A 47 1.41 7.71 2.83
C THR A 47 1.67 9.20 2.77
N VAL A 48 1.94 9.73 1.58
CA VAL A 48 2.09 11.17 1.45
C VAL A 48 0.82 11.87 0.96
N ILE A 49 0.04 11.17 0.15
CA ILE A 49 -1.27 11.66 -0.34
C ILE A 49 -2.18 10.44 -0.46
N TYR A 50 -3.43 10.58 -0.03
CA TYR A 50 -4.43 9.53 -0.26
C TYR A 50 -5.73 10.14 -0.77
N GLU A 51 -6.56 9.32 -1.42
CA GLU A 51 -7.84 9.78 -1.98
C GLU A 51 -7.65 11.02 -2.85
N ASN A 52 -6.68 10.93 -3.76
CA ASN A 52 -6.32 11.99 -4.71
C ASN A 52 -5.57 13.20 -4.15
N THR A 53 -6.12 13.77 -3.08
CA THR A 53 -5.68 15.08 -2.61
C THR A 53 -5.42 15.21 -1.11
N LYS A 54 -5.77 14.21 -0.33
CA LYS A 54 -5.67 14.33 1.12
C LYS A 54 -4.25 14.09 1.61
N ARG A 55 -3.74 15.05 2.35
CA ARG A 55 -2.39 14.96 2.92
C ARG A 55 -2.45 14.75 4.42
N PRO A 56 -1.84 13.68 4.93
CA PRO A 56 -1.80 13.47 6.38
C PRO A 56 -1.05 14.64 7.01
N SER A 57 -1.50 15.08 8.18
CA SER A 57 -1.02 16.35 8.75
C SER A 57 0.46 16.34 9.11
N ASN A 58 1.05 15.16 9.29
CA ASN A 58 2.49 15.07 9.59
C ASN A 58 3.39 15.10 8.35
N ILE A 59 2.77 15.14 7.17
CA ILE A 59 3.52 15.19 5.92
C ILE A 59 3.73 16.65 5.55
N PRO A 60 4.96 17.02 5.15
CA PRO A 60 5.24 18.41 4.78
C PRO A 60 4.33 18.95 3.69
N SER A 61 3.95 20.23 3.79
CA SER A 61 3.01 20.83 2.86
C SER A 61 3.52 20.95 1.42
N ARG A 62 4.82 20.72 1.21
CA ARG A 62 5.37 20.69 -0.14
C ARG A 62 4.82 19.53 -0.98
N PHE A 63 4.26 18.51 -0.32
CA PHE A 63 3.56 17.44 -1.03
C PHE A 63 2.11 17.80 -1.28
N SER A 64 1.66 17.66 -2.52
CA SER A 64 0.24 17.83 -2.83
C SER A 64 -0.16 16.87 -3.94
N GLY A 65 -1.45 16.60 -4.04
CA GLY A 65 -1.96 15.70 -5.05
C GLY A 65 -3.12 16.31 -5.79
N SER A 66 -3.27 15.93 -7.05
CA SER A 66 -4.42 16.35 -7.84
C SER A 66 -4.82 15.21 -8.75
N LYS A 67 -6.04 15.30 -9.28
CA LYS A 67 -6.52 14.33 -10.27
C LYS A 67 -7.21 15.07 -11.41
N SER A 68 -6.93 14.59 -12.61
N SER A 68 -6.92 14.59 -12.60
CA SER A 68 -7.57 15.10 -13.80
CA SER A 68 -7.59 15.08 -13.79
C SER A 68 -8.08 13.90 -14.54
C SER A 68 -8.09 13.89 -14.54
N GLY A 69 -9.40 13.85 -14.71
CA GLY A 69 -10.00 12.73 -15.42
C GLY A 69 -9.64 11.42 -14.74
N SER A 70 -8.95 10.54 -15.44
CA SER A 70 -8.57 9.26 -14.86
C SER A 70 -7.09 9.23 -14.47
N THR A 71 -6.43 10.34 -14.41
N THR A 71 -6.46 10.32 -14.40
CA THR A 71 -4.98 10.42 -14.13
CA THR A 71 -5.05 10.34 -14.05
C THR A 71 -4.75 11.26 -12.87
C THR A 71 -4.77 11.24 -12.85
N ALA A 72 -3.91 10.81 -12.00
CA ALA A 72 -3.46 11.48 -10.78
C ALA A 72 -2.03 12.00 -10.91
N THR A 73 -1.77 13.13 -10.31
CA THR A 73 -0.42 13.69 -10.26
C THR A 73 -0.03 14.01 -8.83
N LEU A 74 1.12 13.49 -8.39
CA LEU A 74 1.76 13.89 -7.15
C LEU A 74 2.74 15.01 -7.47
N THR A 75 2.61 16.14 -6.78
CA THR A 75 3.54 17.26 -6.96
C THR A 75 4.33 17.51 -5.68
N ILE A 76 5.64 17.65 -5.85
CA ILE A 76 6.47 18.11 -4.74
C ILE A 76 7.03 19.47 -5.15
N THR A 77 6.62 20.48 -4.42
CA THR A 77 6.96 21.86 -4.71
C THR A 77 8.06 22.31 -3.77
N GLY A 78 9.26 22.44 -4.31
CA GLY A 78 10.42 22.73 -3.48
C GLY A 78 11.00 21.44 -2.92
N VAL A 79 11.33 20.52 -3.80
CA VAL A 79 11.83 19.20 -3.41
C VAL A 79 13.16 19.31 -2.64
N ARG A 80 13.29 18.44 -1.65
CA ARG A 80 14.46 18.38 -0.79
C ARG A 80 15.17 17.03 -0.98
N ALA A 81 16.45 16.99 -0.62
CA ALA A 81 17.24 15.77 -0.75
C ALA A 81 16.60 14.58 -0.02
N GLU A 82 16.01 14.86 1.12
CA GLU A 82 15.38 13.81 1.93
C GLU A 82 14.14 13.21 1.25
N ASP A 83 13.64 13.83 0.20
CA ASP A 83 12.48 13.31 -0.52
C ASP A 83 12.83 12.18 -1.50
N GLU A 84 14.12 11.90 -1.70
CA GLU A 84 14.49 10.79 -2.56
C GLU A 84 13.89 9.51 -1.98
N ALA A 85 13.20 8.78 -2.83
CA ALA A 85 12.46 7.59 -2.42
C ALA A 85 11.92 6.95 -3.70
N VAL A 86 11.32 5.78 -3.54
CA VAL A 86 10.42 5.23 -4.53
C VAL A 86 8.99 5.57 -4.10
N TYR A 87 8.25 6.16 -5.04
CA TYR A 87 6.86 6.53 -4.81
C TYR A 87 5.98 5.53 -5.53
N TYR A 88 5.20 4.78 -4.78
CA TYR A 88 4.27 3.82 -5.37
C TYR A 88 2.89 4.44 -5.43
N CYS A 89 2.34 4.43 -6.63
CA CYS A 89 0.90 4.81 -6.70
CA CYS A 89 0.93 4.80 -6.69
C CYS A 89 0.01 3.61 -6.46
N GLY A 90 -1.16 3.88 -5.91
CA GLY A 90 -2.15 2.85 -5.63
C GLY A 90 -3.55 3.26 -6.08
N SER A 91 -4.34 2.31 -6.53
CA SER A 91 -5.73 2.57 -6.97
C SER A 91 -6.50 1.25 -6.95
N ALA A 92 -7.69 1.24 -7.55
CA ALA A 92 -8.46 0.03 -7.75
C ALA A 92 -8.08 -0.57 -9.10
N ASP A 93 -8.11 -1.87 -9.23
CA ASP A 93 -7.95 -2.45 -10.55
C ASP A 93 -9.31 -2.74 -11.17
N ASP A 94 -10.14 -3.47 -10.43
CA ASP A 94 -11.50 -3.82 -10.85
C ASP A 94 -12.31 -4.14 -9.61
N ASN A 95 -13.59 -4.44 -9.78
CA ASN A 95 -14.51 -4.61 -8.66
C ASN A 95 -14.13 -5.73 -7.70
N MET A 96 -13.40 -6.73 -8.18
CA MET A 96 -12.96 -7.83 -7.32
C MET A 96 -11.49 -7.72 -6.95
N ASN A 97 -10.88 -6.60 -7.33
CA ASN A 97 -9.49 -6.32 -6.98
C ASN A 97 -9.36 -4.85 -6.63
N PRO A 98 -9.78 -4.50 -5.41
CA PRO A 98 -9.92 -3.08 -5.04
C PRO A 98 -8.61 -2.36 -4.80
N THR A 99 -7.50 -3.09 -4.76
CA THR A 99 -6.18 -2.50 -4.52
C THR A 99 -5.18 -3.05 -5.50
N ILE A 100 -4.45 -2.14 -6.12
CA ILE A 100 -3.31 -2.51 -6.96
C ILE A 100 -2.30 -1.37 -6.86
N PHE A 101 -1.01 -1.73 -6.89
CA PHE A 101 0.08 -0.76 -6.84
C PHE A 101 0.82 -0.71 -8.16
N GLY A 102 1.20 0.50 -8.58
CA GLY A 102 2.07 0.65 -9.72
C GLY A 102 3.46 0.15 -9.41
N ALA A 103 4.32 0.11 -10.41
CA ALA A 103 5.65 -0.47 -10.27
C ALA A 103 6.61 0.46 -9.52
N GLY A 104 6.20 1.70 -9.28
CA GLY A 104 7.01 2.63 -8.52
C GLY A 104 7.80 3.59 -9.38
N THR A 105 7.92 4.82 -8.89
CA THR A 105 8.73 5.86 -9.53
C THR A 105 9.87 6.22 -8.60
N THR A 106 11.09 6.03 -9.06
CA THR A 106 12.26 6.39 -8.26
C THR A 106 12.59 7.86 -8.47
N LEU A 107 12.51 8.65 -7.42
CA LEU A 107 12.89 10.05 -7.48
C LEU A 107 14.34 10.24 -7.07
N THR A 108 15.14 10.81 -7.97
CA THR A 108 16.51 11.20 -7.67
C THR A 108 16.57 12.71 -7.52
N VAL A 109 17.18 13.16 -6.43
CA VAL A 109 17.43 14.59 -6.25
C VAL A 109 18.92 14.86 -6.45
N LEU A 110 19.23 15.63 -7.46
CA LEU A 110 20.62 15.86 -7.87
C LEU A 110 21.48 16.42 -6.77
N GLY A 111 22.70 15.91 -6.73
CA GLY A 111 23.66 16.30 -5.72
C GLY A 111 24.79 15.31 -5.56
N ALA A 129 1.98 7.61 17.87
CA ALA A 129 0.73 7.70 17.13
C ALA A 129 0.00 6.36 16.99
N LEU A 130 -0.42 6.07 15.79
CA LEU A 130 -1.04 4.81 15.49
C LEU A 130 0.04 3.76 15.45
N THR A 131 -0.28 2.56 15.88
CA THR A 131 0.61 1.46 15.72
C THR A 131 -0.11 0.30 15.02
N LEU A 132 0.60 -0.33 14.10
CA LEU A 132 0.17 -1.55 13.48
C LEU A 132 1.33 -2.51 13.66
N ASP A 133 1.14 -3.51 14.50
CA ASP A 133 2.26 -4.36 14.82
CA ASP A 133 2.26 -4.37 14.85
C ASP A 133 2.02 -5.79 14.31
N GLU A 134 2.87 -6.23 13.39
CA GLU A 134 2.73 -7.54 12.78
C GLU A 134 3.57 -8.62 13.47
N SER A 135 3.00 -9.80 13.62
CA SER A 135 3.73 -10.94 14.18
C SER A 135 3.34 -12.23 13.43
N GLY A 136 4.08 -13.30 13.67
CA GLY A 136 3.80 -14.59 13.04
C GLY A 136 4.73 -14.92 11.89
N GLY A 137 5.66 -14.03 11.60
CA GLY A 137 6.58 -14.25 10.49
C GLY A 137 7.75 -15.13 10.88
N GLY A 138 8.77 -15.11 10.05
CA GLY A 138 9.96 -15.91 10.26
C GLY A 138 10.06 -17.01 9.23
N LEU A 139 10.87 -18.00 9.53
CA LEU A 139 11.13 -19.10 8.62
C LEU A 139 9.92 -20.02 8.53
N GLN A 140 9.54 -20.36 7.31
CA GLN A 140 8.37 -21.21 7.05
C GLN A 140 8.77 -22.32 6.11
N THR A 141 8.12 -23.47 6.22
CA THR A 141 8.45 -24.58 5.35
C THR A 141 7.60 -24.54 4.07
N PRO A 142 8.23 -24.83 2.92
CA PRO A 142 7.47 -24.91 1.67
C PRO A 142 6.34 -25.92 1.77
N GLY A 143 5.17 -25.56 1.25
CA GLY A 143 4.02 -26.43 1.30
C GLY A 143 3.18 -26.26 2.56
N GLY A 144 3.75 -25.56 3.54
CA GLY A 144 3.09 -25.35 4.82
C GLY A 144 2.21 -24.11 4.80
N ALA A 145 1.82 -23.68 6.00
CA ALA A 145 0.93 -22.55 6.14
C ALA A 145 1.52 -21.56 7.09
N LEU A 146 1.12 -20.30 6.96
CA LEU A 146 1.48 -19.32 7.98
C LEU A 146 0.25 -18.56 8.45
N SER A 147 0.43 -17.88 9.57
CA SER A 147 -0.62 -17.10 10.18
C SER A 147 0.01 -15.83 10.74
N LEU A 148 -0.26 -14.69 10.11
CA LEU A 148 0.23 -13.40 10.58
C LEU A 148 -0.88 -12.68 11.32
N VAL A 149 -0.52 -11.97 12.39
CA VAL A 149 -1.49 -11.17 13.12
C VAL A 149 -0.99 -9.72 13.18
N CYS A 150 -1.88 -8.78 12.90
CA CYS A 150 -1.58 -7.38 13.03
C CYS A 150 -2.39 -6.84 14.21
N LYS A 151 -1.70 -6.34 15.22
CA LYS A 151 -2.34 -5.75 16.39
C LYS A 151 -2.34 -4.24 16.22
N ALA A 152 -3.52 -3.64 16.28
CA ALA A 152 -3.68 -2.22 16.01
C ALA A 152 -3.92 -1.47 17.31
N SER A 153 -3.37 -0.26 17.40
CA SER A 153 -3.68 0.63 18.52
C SER A 153 -3.59 2.08 18.06
N GLY A 154 -4.24 2.97 18.81
CA GLY A 154 -4.14 4.39 18.53
C GLY A 154 -5.23 4.94 17.63
N PHE A 155 -6.17 4.08 17.25
CA PHE A 155 -7.31 4.50 16.43
C PHE A 155 -8.48 3.56 16.68
N THR A 156 -9.66 3.93 16.21
CA THR A 156 -10.84 3.11 16.43
C THR A 156 -10.94 2.05 15.34
N PHE A 157 -10.32 0.92 15.63
CA PHE A 157 -10.13 -0.17 14.67
C PHE A 157 -11.43 -0.60 14.00
N SER A 158 -12.52 -0.65 14.75
CA SER A 158 -13.77 -1.17 14.23
C SER A 158 -14.41 -0.29 13.15
N SER A 159 -13.90 0.92 12.98
CA SER A 159 -14.43 1.82 11.94
C SER A 159 -13.80 1.66 10.56
N TYR A 160 -12.66 0.96 10.48
CA TYR A 160 -11.85 0.99 9.26
C TYR A 160 -11.61 -0.34 8.60
N GLY A 161 -11.60 -0.32 7.28
CA GLY A 161 -11.08 -1.42 6.50
C GLY A 161 -9.60 -1.60 6.77
N MET A 162 -9.12 -2.82 6.58
CA MET A 162 -7.72 -3.16 6.82
C MET A 162 -7.21 -4.01 5.67
N GLN A 163 -5.91 -3.94 5.42
CA GLN A 163 -5.31 -4.66 4.30
C GLN A 163 -3.98 -5.28 4.66
N TRP A 164 -3.57 -6.28 3.89
CA TRP A 164 -2.21 -6.79 3.91
C TRP A 164 -1.56 -6.54 2.55
N VAL A 165 -0.32 -6.07 2.59
CA VAL A 165 0.48 -5.79 1.41
C VAL A 165 1.84 -6.45 1.63
N ARG A 166 2.45 -6.97 0.58
CA ARG A 166 3.78 -7.59 0.74
C ARG A 166 4.79 -7.06 -0.26
N GLN A 167 6.04 -7.40 -0.03
CA GLN A 167 7.14 -6.95 -0.90
C GLN A 167 8.20 -8.02 -0.93
N ALA A 168 8.38 -8.64 -2.09
CA ALA A 168 9.44 -9.64 -2.27
C ALA A 168 10.78 -8.93 -2.19
N PRO A 169 11.86 -9.66 -1.85
CA PRO A 169 13.13 -8.98 -1.62
C PRO A 169 13.57 -8.14 -2.82
N GLY A 170 13.82 -6.86 -2.60
CA GLY A 170 14.25 -5.99 -3.67
C GLY A 170 13.21 -5.65 -4.74
N LYS A 171 11.95 -5.92 -4.49
CA LYS A 171 10.92 -5.75 -5.50
C LYS A 171 9.91 -4.73 -4.98
N GLY A 172 8.80 -4.59 -5.67
CA GLY A 172 7.79 -3.58 -5.37
C GLY A 172 6.68 -4.03 -4.42
N LEU A 173 5.77 -3.12 -4.12
CA LEU A 173 4.62 -3.46 -3.29
C LEU A 173 3.61 -4.29 -4.08
N GLU A 174 3.06 -5.32 -3.43
CA GLU A 174 2.06 -6.20 -4.03
C GLU A 174 0.91 -6.41 -3.06
N TRP A 175 -0.33 -6.14 -3.47
CA TRP A 175 -1.49 -6.31 -2.61
C TRP A 175 -1.73 -7.78 -2.35
N VAL A 176 -2.03 -8.09 -1.11
CA VAL A 176 -2.34 -9.46 -0.69
C VAL A 176 -3.84 -9.67 -0.38
N ALA A 177 -4.42 -8.83 0.46
CA ALA A 177 -5.82 -9.04 0.84
C ALA A 177 -6.40 -7.79 1.47
N GLY A 178 -7.73 -7.69 1.48
CA GLY A 178 -8.41 -6.63 2.20
C GLY A 178 -9.70 -7.12 2.82
N ILE A 179 -10.13 -6.42 3.86
CA ILE A 179 -11.36 -6.74 4.57
C ILE A 179 -12.01 -5.45 5.06
N GLN A 180 -13.33 -5.32 4.88
CA GLN A 180 -14.02 -4.14 5.37
C GLN A 180 -14.18 -4.19 6.88
N ASN A 181 -14.60 -3.07 7.45
CA ASN A 181 -14.72 -2.98 8.90
C ASN A 181 -15.67 -4.02 9.49
N ASP A 182 -16.67 -4.45 8.71
CA ASP A 182 -17.71 -5.36 9.17
C ASP A 182 -17.52 -6.80 8.65
N ASP A 183 -16.28 -7.15 8.31
CA ASP A 183 -15.89 -8.48 7.78
C ASP A 183 -16.24 -8.71 6.32
N THR A 184 -17.02 -7.82 5.74
CA THR A 184 -17.50 -8.07 4.38
C THR A 184 -16.47 -7.69 3.32
N GLY A 185 -16.76 -8.06 2.08
CA GLY A 185 -16.00 -7.61 0.93
C GLY A 185 -14.54 -8.04 0.91
N THR A 186 -14.25 -9.23 1.42
CA THR A 186 -12.89 -9.75 1.36
C THR A 186 -12.51 -10.12 -0.07
N TYR A 187 -11.35 -9.65 -0.50
CA TYR A 187 -10.78 -10.02 -1.78
C TYR A 187 -9.28 -10.22 -1.61
N TYR A 188 -8.67 -10.94 -2.56
CA TYR A 188 -7.30 -11.40 -2.47
C TYR A 188 -6.51 -11.12 -3.76
N GLY A 189 -5.23 -10.82 -3.60
CA GLY A 189 -4.36 -10.61 -4.74
C GLY A 189 -4.21 -11.86 -5.58
N ALA A 190 -4.01 -11.67 -6.89
CA ALA A 190 -3.97 -12.77 -7.84
C ALA A 190 -3.01 -13.89 -7.45
N ALA A 191 -1.84 -13.51 -6.93
CA ALA A 191 -0.81 -14.50 -6.60
C ALA A 191 -1.16 -15.38 -5.41
N VAL A 192 -2.14 -14.96 -4.59
CA VAL A 192 -2.51 -15.72 -3.40
C VAL A 192 -3.96 -16.20 -3.38
N LYS A 193 -4.73 -15.87 -4.41
N LYS A 193 -4.73 -15.88 -4.42
CA LYS A 193 -6.15 -16.25 -4.45
CA LYS A 193 -6.15 -16.25 -4.44
C LYS A 193 -6.25 -17.77 -4.36
C LYS A 193 -6.25 -17.77 -4.36
N GLY A 194 -7.15 -18.25 -3.52
CA GLY A 194 -7.34 -19.68 -3.30
C GLY A 194 -6.47 -20.26 -2.20
N ARG A 195 -5.51 -19.47 -1.73
CA ARG A 195 -4.58 -19.92 -0.69
C ARG A 195 -4.67 -19.06 0.56
N ALA A 196 -5.32 -17.90 0.45
CA ALA A 196 -5.28 -16.90 1.51
C ALA A 196 -6.62 -16.69 2.17
N THR A 197 -6.58 -16.38 3.47
CA THR A 197 -7.76 -15.99 4.20
C THR A 197 -7.43 -14.81 5.09
N ILE A 198 -8.19 -13.72 4.95
CA ILE A 198 -8.07 -12.58 5.84
C ILE A 198 -9.29 -12.57 6.75
N SER A 199 -9.09 -12.24 8.02
CA SER A 199 -10.17 -12.16 8.99
C SER A 199 -9.80 -11.09 10.01
N ARG A 200 -10.75 -10.70 10.84
CA ARG A 200 -10.47 -9.67 11.84
C ARG A 200 -11.28 -9.91 13.10
N ASP A 201 -10.80 -9.34 14.19
CA ASP A 201 -11.49 -9.39 15.48
C ASP A 201 -11.54 -7.98 16.02
N ASN A 202 -12.66 -7.31 15.85
CA ASN A 202 -12.76 -5.91 16.26
C ASN A 202 -12.56 -5.72 17.77
N GLY A 203 -13.05 -6.66 18.57
CA GLY A 203 -12.89 -6.58 20.01
C GLY A 203 -11.44 -6.66 20.46
N GLN A 204 -10.60 -7.34 19.69
CA GLN A 204 -9.17 -7.47 20.02
C GLN A 204 -8.32 -6.48 19.24
N SER A 205 -8.94 -5.74 18.32
CA SER A 205 -8.21 -4.84 17.42
C SER A 205 -7.12 -5.56 16.63
N THR A 206 -7.47 -6.73 16.09
CA THR A 206 -6.53 -7.51 15.29
C THR A 206 -7.09 -7.83 13.91
N VAL A 207 -6.18 -7.91 12.95
CA VAL A 207 -6.50 -8.45 11.64
C VAL A 207 -5.48 -9.55 11.35
N ARG A 208 -5.95 -10.64 10.73
CA ARG A 208 -5.13 -11.84 10.54
C ARG A 208 -5.02 -12.22 9.06
N LEU A 209 -3.85 -12.68 8.66
CA LEU A 209 -3.63 -13.25 7.34
C LEU A 209 -3.19 -14.70 7.46
N GLN A 210 -3.93 -15.60 6.86
CA GLN A 210 -3.51 -16.99 6.74
C GLN A 210 -3.18 -17.24 5.28
N LEU A 211 -2.08 -17.91 5.03
CA LEU A 211 -1.64 -18.26 3.68
C LEU A 211 -1.12 -19.69 3.68
N ASN A 212 -1.68 -20.52 2.82
CA ASN A 212 -1.25 -21.90 2.78
C ASN A 212 -0.53 -22.28 1.49
N ASN A 213 -0.11 -23.54 1.43
CA ASN A 213 0.71 -24.05 0.34
C ASN A 213 1.83 -23.09 -0.02
N LEU A 214 2.61 -22.72 0.99
CA LEU A 214 3.65 -21.72 0.81
C LEU A 214 4.69 -22.10 -0.21
N ARG A 215 5.15 -21.12 -0.96
CA ARG A 215 6.19 -21.33 -1.95
C ARG A 215 7.22 -20.22 -1.81
N ALA A 216 8.39 -20.40 -2.42
CA ALA A 216 9.49 -19.44 -2.28
C ALA A 216 9.05 -18.04 -2.67
N GLU A 217 8.15 -17.95 -3.64
CA GLU A 217 7.66 -16.67 -4.13
C GLU A 217 6.84 -15.89 -3.09
N ASP A 218 6.46 -16.56 -2.00
CA ASP A 218 5.76 -15.90 -0.88
C ASP A 218 6.73 -15.24 0.09
N THR A 219 8.03 -15.47 -0.07
CA THR A 219 9.04 -14.81 0.73
C THR A 219 8.97 -13.29 0.55
N GLY A 220 8.99 -12.54 1.63
CA GLY A 220 9.03 -11.09 1.55
C GLY A 220 8.63 -10.47 2.87
N THR A 221 8.49 -9.15 2.85
CA THR A 221 8.03 -8.39 4.00
C THR A 221 6.55 -8.18 3.87
N TYR A 222 5.80 -8.50 4.93
CA TYR A 222 4.35 -8.37 4.93
C TYR A 222 3.95 -7.23 5.84
N TYR A 223 3.29 -6.23 5.27
CA TYR A 223 2.85 -5.02 5.99
C TYR A 223 1.37 -5.05 6.25
N CYS A 224 1.00 -4.75 7.48
CA CYS A 224 -0.36 -4.42 7.83
C CYS A 224 -0.65 -2.98 7.43
N ALA A 225 -1.86 -2.73 6.89
CA ALA A 225 -2.19 -1.40 6.39
C ALA A 225 -3.61 -1.01 6.81
N LYS A 226 -3.75 0.23 7.28
CA LYS A 226 -5.03 0.76 7.70
C LYS A 226 -5.64 1.57 6.57
N ASP A 227 -6.93 1.41 6.33
CA ASP A 227 -7.63 2.23 5.36
C ASP A 227 -8.24 3.45 6.04
N ALA A 228 -8.35 4.53 5.27
CA ALA A 228 -8.94 5.77 5.76
C ALA A 228 -10.36 6.01 5.27
N SER A 229 -10.88 5.13 4.42
CA SER A 229 -12.23 5.33 3.86
C SER A 229 -13.26 5.47 4.97
N SER A 230 -14.07 6.53 4.87
CA SER A 230 -15.01 6.87 5.94
C SER A 230 -16.17 5.88 6.07
N ASP A 231 -16.37 5.06 5.04
CA ASP A 231 -17.45 4.08 5.05
C ASP A 231 -17.04 2.66 5.49
N GLY A 232 -15.82 2.52 6.02
CA GLY A 232 -15.34 1.22 6.46
C GLY A 232 -14.85 0.32 5.33
N GLY A 233 -14.83 0.85 4.11
CA GLY A 233 -14.33 0.09 2.96
C GLY A 233 -12.81 0.10 2.87
N TYR A 234 -12.30 -0.42 1.75
CA TYR A 234 -10.86 -0.36 1.50
C TYR A 234 -10.59 -0.32 0.01
N GLY A 235 -9.45 0.23 -0.32
CA GLY A 235 -9.01 0.30 -1.69
C GLY A 235 -7.57 0.78 -1.81
N GLY A 236 -7.08 0.82 -3.06
CA GLY A 236 -5.68 1.13 -3.28
C GLY A 236 -5.34 2.60 -3.11
N ASP A 237 -6.36 3.44 -3.12
CA ASP A 237 -6.17 4.89 -3.04
C ASP A 237 -6.16 5.41 -1.60
N SER A 238 -6.55 4.58 -0.65
CA SER A 238 -7.00 5.11 0.64
C SER A 238 -6.27 4.57 1.87
N ILE A 239 -5.07 4.06 1.70
CA ILE A 239 -4.29 3.59 2.85
C ILE A 239 -3.62 4.76 3.54
N ASP A 240 -3.91 4.96 4.83
CA ASP A 240 -3.30 6.08 5.55
C ASP A 240 -2.24 5.70 6.59
N ALA A 241 -2.13 4.42 6.92
CA ALA A 241 -1.10 3.98 7.88
C ALA A 241 -0.55 2.60 7.52
N TRP A 242 0.75 2.42 7.78
CA TRP A 242 1.47 1.19 7.46
C TRP A 242 2.26 0.72 8.67
N GLY A 243 2.26 -0.58 8.92
CA GLY A 243 3.18 -1.14 9.91
C GLY A 243 4.59 -1.26 9.35
N HIS A 244 5.52 -1.59 10.25
CA HIS A 244 6.91 -1.83 9.84
C HIS A 244 7.08 -3.17 9.19
N GLY A 245 6.06 -4.00 9.26
CA GLY A 245 6.09 -5.27 8.56
C GLY A 245 6.73 -6.39 9.33
N THR A 246 6.48 -7.61 8.88
CA THR A 246 7.16 -8.78 9.39
C THR A 246 7.68 -9.59 8.22
N GLU A 247 8.92 -10.06 8.32
N GLU A 247 8.92 -10.06 8.33
CA GLU A 247 9.51 -10.87 7.29
CA GLU A 247 9.52 -10.86 7.28
C GLU A 247 9.01 -12.29 7.33
C GLU A 247 9.05 -12.29 7.33
N VAL A 248 8.75 -12.81 6.15
CA VAL A 248 8.40 -14.19 5.95
C VAL A 248 9.45 -14.79 5.03
N ILE A 249 10.04 -15.89 5.45
CA ILE A 249 11.05 -16.58 4.64
C ILE A 249 10.60 -18.01 4.38
N VAL A 250 10.31 -18.33 3.14
CA VAL A 250 9.90 -19.68 2.78
C VAL A 250 11.09 -20.44 2.21
N SER A 251 11.60 -21.39 2.98
CA SER A 251 12.75 -22.16 2.56
C SER A 251 12.84 -23.43 3.35
N SER A 252 13.51 -24.39 2.75
CA SER A 252 13.86 -25.63 3.39
C SER A 252 15.36 -25.79 3.48
#